data_2A8V
#
_entry.id   2A8V
#
_cell.length_a   132.783
_cell.length_b   31.308
_cell.length_c   105.751
_cell.angle_alpha   90.00
_cell.angle_beta   122.98
_cell.angle_gamma   90.00
#
_symmetry.space_group_name_H-M   'C 1 2 1'
#
loop_
_entity.id
_entity.type
_entity.pdbx_description
1 polymer "5'-R(P*CP*CP*C)-3'"
2 polymer "5'-R(P*CP*CP*CP*CP*CP*C)-3'"
3 polymer 'RNA BINDING DOMAIN OF RHO TRANSCRIPTION TERMINATION FACTOR'
4 water water
#
loop_
_entity_poly.entity_id
_entity_poly.type
_entity_poly.pdbx_seq_one_letter_code
_entity_poly.pdbx_strand_id
1 'polyribonucleotide' CCC D
2 'polyribonucleotide' CCCCCC E
3 'polypeptide(L)'
;MNLTELKNTPVSELITLGENMGLENLARMRKQDIIFAILKQHAKSGEDIFGDGVLEILQDGFGFLRSADSSYLAGPDDIY
VSPSQIRRFNLRTGDTISGKIRPPKEGERYFALLKVNE
;
A,B,C
#
# COMPACT_ATOMS: atom_id res chain seq x y z
N MET C 1 -7.97 45.81 -7.10
CA MET C 1 -8.98 44.72 -7.02
C MET C 1 -9.41 44.45 -5.57
N ASN C 2 -10.66 44.80 -5.29
CA ASN C 2 -11.25 44.65 -3.96
C ASN C 2 -12.37 43.60 -3.97
N LEU C 3 -12.38 42.76 -2.95
CA LEU C 3 -13.39 41.71 -2.83
C LEU C 3 -14.81 42.28 -2.75
N THR C 4 -14.95 43.38 -2.01
CA THR C 4 -16.25 44.02 -1.89
C THR C 4 -16.69 44.57 -3.24
N GLU C 5 -15.74 45.08 -4.03
CA GLU C 5 -16.07 45.65 -5.33
C GLU C 5 -16.49 44.54 -6.30
N LEU C 6 -15.77 43.43 -6.26
CA LEU C 6 -16.09 42.31 -7.14
C LEU C 6 -17.47 41.75 -6.75
N LYS C 7 -17.74 41.74 -5.45
CA LYS C 7 -18.99 41.22 -4.90
C LYS C 7 -20.18 42.08 -5.31
N ASN C 8 -19.92 43.34 -5.64
CA ASN C 8 -20.99 44.24 -6.05
C ASN C 8 -21.01 44.50 -7.55
N THR C 9 -20.34 43.63 -8.30
CA THR C 9 -20.29 43.74 -9.76
C THR C 9 -21.19 42.69 -10.43
N PRO C 10 -21.83 43.05 -11.56
CA PRO C 10 -22.71 42.10 -12.25
C PRO C 10 -21.95 40.87 -12.76
N VAL C 11 -22.55 39.70 -12.59
CA VAL C 11 -21.96 38.43 -13.02
C VAL C 11 -21.39 38.46 -14.43
N SER C 12 -22.13 39.08 -15.35
CA SER C 12 -21.69 39.15 -16.73
C SER C 12 -20.38 39.91 -16.85
N GLU C 13 -20.24 40.99 -16.09
CA GLU C 13 -19.02 41.77 -16.15
C GLU C 13 -17.87 40.99 -15.49
N LEU C 14 -18.15 40.32 -14.38
CA LEU C 14 -17.13 39.53 -13.70
C LEU C 14 -16.60 38.48 -14.68
N ILE C 15 -17.48 37.98 -15.54
CA ILE C 15 -17.13 36.98 -16.54
C ILE C 15 -16.13 37.54 -17.58
N THR C 16 -16.44 38.72 -18.12
CA THR C 16 -15.56 39.35 -19.11
C THR C 16 -14.21 39.63 -18.45
N LEU C 17 -14.30 40.16 -17.23
CA LEU C 17 -13.11 40.50 -16.49
C LEU C 17 -12.28 39.24 -16.29
N GLY C 18 -12.93 38.17 -15.84
CA GLY C 18 -12.22 36.93 -15.60
C GLY C 18 -11.59 36.27 -16.81
N GLU C 19 -12.31 36.20 -17.92
CA GLU C 19 -11.75 35.58 -19.10
C GLU C 19 -10.60 36.41 -19.67
N ASN C 20 -10.67 37.73 -19.53
CA ASN C 20 -9.59 38.57 -20.02
C ASN C 20 -8.33 38.33 -19.19
N MET C 21 -8.47 37.55 -18.13
CA MET C 21 -7.35 37.22 -17.27
C MET C 21 -6.96 35.76 -17.47
N GLY C 22 -7.35 35.20 -18.62
CA GLY C 22 -7.01 33.82 -18.93
C GLY C 22 -7.87 32.72 -18.34
N LEU C 23 -8.89 33.09 -17.57
CA LEU C 23 -9.76 32.10 -16.98
C LEU C 23 -10.67 31.50 -18.05
N GLU C 24 -11.07 30.23 -17.87
CA GLU C 24 -11.90 29.54 -18.86
C GLU C 24 -13.31 29.16 -18.39
N ASN C 25 -14.21 29.05 -19.36
CA ASN C 25 -15.61 28.70 -19.14
C ASN C 25 -16.19 29.17 -17.80
N LEU C 26 -16.09 30.48 -17.56
CA LEU C 26 -16.63 31.04 -16.33
C LEU C 26 -18.11 31.25 -16.55
N ALA C 27 -18.48 31.38 -17.82
CA ALA C 27 -19.86 31.61 -18.18
C ALA C 27 -20.85 30.62 -17.55
N ARG C 28 -20.40 29.41 -17.24
CA ARG C 28 -21.29 28.42 -16.65
C ARG C 28 -21.07 28.21 -15.15
N MET C 29 -20.37 29.14 -14.51
CA MET C 29 -20.10 29.03 -13.08
C MET C 29 -20.85 29.99 -12.17
N ARG C 30 -20.81 29.71 -10.88
CA ARG C 30 -21.46 30.55 -9.88
C ARG C 30 -20.63 31.83 -9.66
N LYS C 31 -21.31 32.96 -9.53
CA LYS C 31 -20.65 34.24 -9.30
C LYS C 31 -19.63 34.18 -8.17
N GLN C 32 -19.97 33.52 -7.08
CA GLN C 32 -19.05 33.44 -5.96
C GLN C 32 -17.76 32.71 -6.35
N ASP C 33 -17.87 31.66 -7.16
CA ASP C 33 -16.68 30.93 -7.57
C ASP C 33 -15.83 31.78 -8.52
N ILE C 34 -16.50 32.54 -9.39
CA ILE C 34 -15.83 33.40 -10.34
C ILE C 34 -14.99 34.45 -9.62
N ILE C 35 -15.56 35.04 -8.57
CA ILE C 35 -14.87 36.04 -7.76
C ILE C 35 -13.59 35.45 -7.12
N PHE C 36 -13.72 34.35 -6.41
CA PHE C 36 -12.56 33.71 -5.78
C PHE C 36 -11.49 33.39 -6.82
N ALA C 37 -11.88 32.86 -7.97
CA ALA C 37 -10.92 32.54 -9.03
C ALA C 37 -10.25 33.82 -9.53
N ILE C 38 -11.05 34.84 -9.77
CA ILE C 38 -10.51 36.13 -10.25
C ILE C 38 -9.51 36.68 -9.26
N LEU C 39 -9.81 36.52 -7.97
CA LEU C 39 -8.93 37.00 -6.91
C LEU C 39 -7.67 36.15 -6.76
N LYS C 40 -7.83 34.82 -6.78
CA LYS C 40 -6.64 33.96 -6.67
C LYS C 40 -5.75 34.23 -7.89
N GLN C 41 -6.36 34.37 -9.06
CA GLN C 41 -5.65 34.66 -10.29
C GLN C 41 -4.82 35.94 -10.15
N HIS C 42 -5.50 37.06 -9.97
CA HIS C 42 -4.86 38.38 -9.82
C HIS C 42 -3.69 38.29 -8.84
N ALA C 43 -3.84 37.46 -7.82
CA ALA C 43 -2.80 37.27 -6.82
C ALA C 43 -1.59 36.53 -7.42
N LYS C 44 -1.87 35.51 -8.22
CA LYS C 44 -0.81 34.73 -8.86
C LYS C 44 -0.01 35.53 -9.87
N SER C 45 -0.52 36.69 -10.26
CA SER C 45 0.18 37.54 -11.22
C SER C 45 1.12 38.49 -10.48
N GLY C 46 1.16 38.36 -9.15
CA GLY C 46 2.02 39.19 -8.35
C GLY C 46 1.45 40.52 -7.90
N GLU C 47 0.13 40.67 -7.94
CA GLU C 47 -0.49 41.92 -7.52
C GLU C 47 -1.19 41.77 -6.15
N ASP C 48 -1.44 42.89 -5.48
CA ASP C 48 -2.11 42.85 -4.19
C ASP C 48 -3.63 42.84 -4.36
N ILE C 49 -4.32 42.18 -3.43
CA ILE C 49 -5.77 42.16 -3.45
C ILE C 49 -6.24 42.70 -2.13
N PHE C 50 -7.43 43.29 -2.12
CA PHE C 50 -7.94 43.90 -0.91
C PHE C 50 -9.31 43.41 -0.47
N GLY C 51 -9.66 43.73 0.76
CA GLY C 51 -10.92 43.35 1.32
C GLY C 51 -11.24 44.28 2.46
N ASP C 52 -12.45 44.16 2.99
CA ASP C 52 -12.89 44.99 4.11
C ASP C 52 -14.18 44.42 4.70
N GLY C 53 -14.57 44.95 5.85
CA GLY C 53 -15.78 44.51 6.50
C GLY C 53 -15.81 45.03 7.92
N VAL C 54 -16.86 44.75 8.66
CA VAL C 54 -16.96 45.18 10.04
C VAL C 54 -16.58 43.99 10.92
N LEU C 55 -15.54 44.19 11.73
CA LEU C 55 -15.03 43.14 12.59
C LEU C 55 -15.99 42.59 13.64
N GLU C 56 -15.95 41.28 13.83
CA GLU C 56 -16.75 40.60 14.84
C GLU C 56 -15.79 39.62 15.49
N ILE C 57 -15.56 39.78 16.79
CA ILE C 57 -14.64 38.87 17.48
C ILE C 57 -15.44 37.74 18.11
N LEU C 58 -14.99 36.51 17.90
CA LEU C 58 -15.66 35.32 18.45
C LEU C 58 -15.17 35.02 19.85
N GLN C 59 -15.96 34.23 20.57
CA GLN C 59 -15.62 33.85 21.93
C GLN C 59 -14.18 33.40 22.03
N ASP C 60 -13.78 32.47 21.19
CA ASP C 60 -12.41 31.94 21.23
C ASP C 60 -11.30 32.94 20.98
N GLY C 61 -11.64 34.13 20.47
CA GLY C 61 -10.59 35.13 20.26
C GLY C 61 -10.20 35.48 18.84
N PHE C 62 -10.69 34.73 17.85
CA PHE C 62 -10.38 35.04 16.46
C PHE C 62 -11.60 35.80 15.95
N GLY C 63 -11.49 36.40 14.77
CA GLY C 63 -12.64 37.11 14.26
C GLY C 63 -12.74 37.04 12.75
N PHE C 64 -13.80 37.66 12.24
CA PHE C 64 -14.05 37.75 10.84
C PHE C 64 -14.57 39.15 10.53
N LEU C 65 -14.23 39.63 9.33
CA LEU C 65 -14.69 40.91 8.84
C LEU C 65 -15.99 40.56 8.10
N ARG C 66 -17.13 40.97 8.68
CA ARG C 66 -18.45 40.68 8.12
C ARG C 66 -18.83 41.68 7.05
N SER C 67 -19.83 41.34 6.26
CA SER C 67 -20.28 42.24 5.22
C SER C 67 -21.75 42.60 5.38
N ALA C 68 -22.08 43.82 4.99
CA ALA C 68 -23.45 44.33 5.08
C ALA C 68 -24.44 43.47 4.29
N ASP C 69 -24.02 43.01 3.12
CA ASP C 69 -24.87 42.17 2.27
C ASP C 69 -25.33 40.92 2.99
N SER C 70 -24.38 40.19 3.57
CA SER C 70 -24.70 38.97 4.31
C SER C 70 -25.43 39.39 5.57
N SER C 71 -25.67 40.70 5.68
CA SER C 71 -26.34 41.25 6.86
C SER C 71 -25.46 41.01 8.08
N TYR C 72 -24.14 41.08 7.87
CA TYR C 72 -23.15 40.86 8.92
C TYR C 72 -23.23 39.50 9.62
N LEU C 73 -23.74 38.52 8.89
CA LEU C 73 -23.83 37.15 9.41
C LEU C 73 -22.83 36.35 8.60
N ALA C 74 -22.16 35.40 9.25
CA ALA C 74 -21.15 34.56 8.62
C ALA C 74 -21.43 34.20 7.16
N GLY C 75 -20.51 34.62 6.29
CA GLY C 75 -20.65 34.35 4.87
C GLY C 75 -19.39 33.75 4.30
N PRO C 76 -19.45 33.22 3.08
CA PRO C 76 -18.27 32.61 2.45
C PRO C 76 -17.14 33.59 2.11
N ASP C 77 -17.48 34.88 2.00
CA ASP C 77 -16.48 35.91 1.72
C ASP C 77 -15.97 36.59 2.99
N ASP C 78 -16.30 36.05 4.17
CA ASP C 78 -15.82 36.65 5.42
C ASP C 78 -14.28 36.67 5.43
N ILE C 79 -13.69 37.69 6.01
CA ILE C 79 -12.23 37.77 6.05
C ILE C 79 -11.72 37.38 7.44
N TYR C 80 -10.92 36.31 7.48
CA TYR C 80 -10.38 35.84 8.76
C TYR C 80 -9.36 36.83 9.34
N VAL C 81 -9.37 36.97 10.66
CA VAL C 81 -8.46 37.87 11.34
C VAL C 81 -7.94 37.10 12.56
N SER C 82 -6.63 36.99 12.68
CA SER C 82 -6.06 36.21 13.78
C SER C 82 -6.13 36.88 15.14
N PRO C 83 -6.10 36.08 16.22
CA PRO C 83 -6.15 36.62 17.58
C PRO C 83 -4.92 37.50 17.83
N SER C 84 -3.86 37.23 17.09
CA SER C 84 -2.65 38.01 17.22
C SER C 84 -2.83 39.40 16.61
N GLN C 85 -3.58 39.47 15.52
CA GLN C 85 -3.82 40.74 14.86
C GLN C 85 -4.71 41.59 15.76
N ILE C 86 -5.77 40.97 16.27
CA ILE C 86 -6.68 41.65 17.17
C ILE C 86 -5.86 42.17 18.36
N ARG C 87 -5.04 41.30 18.94
CA ARG C 87 -4.22 41.67 20.10
C ARG C 87 -3.21 42.80 19.83
N ARG C 88 -2.36 42.61 18.83
CA ARG C 88 -1.35 43.58 18.48
C ARG C 88 -1.90 44.94 18.01
N PHE C 89 -3.05 44.94 17.35
CA PHE C 89 -3.61 46.19 16.88
C PHE C 89 -4.73 46.72 17.74
N ASN C 90 -4.98 46.02 18.84
CA ASN C 90 -6.00 46.45 19.79
C ASN C 90 -7.30 46.63 19.03
N LEU C 91 -7.65 45.65 18.22
CA LEU C 91 -8.89 45.72 17.43
C LEU C 91 -10.07 45.35 18.31
N ARG C 92 -11.26 45.79 17.90
CA ARG C 92 -12.45 45.47 18.66
C ARG C 92 -13.69 45.23 17.78
N THR C 93 -14.63 44.45 18.31
CA THR C 93 -15.85 44.15 17.60
C THR C 93 -16.52 45.47 17.24
N GLY C 94 -16.93 45.62 15.99
CA GLY C 94 -17.55 46.85 15.57
C GLY C 94 -16.66 47.71 14.69
N ASP C 95 -15.34 47.48 14.76
CA ASP C 95 -14.38 48.24 13.95
C ASP C 95 -14.50 47.99 12.46
N THR C 96 -14.42 49.06 11.67
CA THR C 96 -14.46 48.95 10.23
C THR C 96 -13.01 48.75 9.83
N ILE C 97 -12.71 47.63 9.19
CA ILE C 97 -11.35 47.35 8.80
C ILE C 97 -11.22 47.06 7.32
N SER C 98 -10.14 47.57 6.74
CA SER C 98 -9.82 47.38 5.32
C SER C 98 -8.36 46.95 5.30
N GLY C 99 -7.93 46.30 4.22
CA GLY C 99 -6.55 45.88 4.15
C GLY C 99 -6.26 44.89 3.04
N LYS C 100 -4.98 44.53 2.91
CA LYS C 100 -4.60 43.55 1.90
C LYS C 100 -4.99 42.20 2.47
N ILE C 101 -5.34 41.28 1.59
CA ILE C 101 -5.76 39.95 1.99
C ILE C 101 -5.09 38.93 1.08
N ARG C 102 -5.19 37.67 1.45
CA ARG C 102 -4.63 36.56 0.67
C ARG C 102 -5.66 35.44 0.62
N PRO C 103 -5.70 34.70 -0.50
CA PRO C 103 -6.64 33.58 -0.65
C PRO C 103 -6.34 32.55 0.42
N PRO C 104 -7.32 31.69 0.72
CA PRO C 104 -7.01 30.72 1.76
C PRO C 104 -5.92 29.72 1.34
N LYS C 105 -5.18 29.25 2.32
CA LYS C 105 -4.14 28.27 2.05
C LYS C 105 -4.77 26.89 2.28
N GLU C 106 -4.03 25.86 1.98
CA GLU C 106 -4.51 24.50 2.17
C GLU C 106 -4.96 24.37 3.62
N GLY C 107 -6.19 23.90 3.83
CA GLY C 107 -6.68 23.75 5.19
C GLY C 107 -7.63 24.87 5.61
N GLU C 108 -7.56 26.01 4.92
CA GLU C 108 -8.42 27.15 5.22
C GLU C 108 -9.52 27.24 4.17
N ARG C 109 -10.67 27.80 4.56
CA ARG C 109 -11.78 27.99 3.63
C ARG C 109 -12.00 29.47 3.33
N TYR C 110 -11.48 30.36 4.18
CA TYR C 110 -11.71 31.79 4.00
C TYR C 110 -10.46 32.61 3.71
N PHE C 111 -10.68 33.78 3.09
CA PHE C 111 -9.60 34.70 2.80
C PHE C 111 -9.13 35.21 4.15
N ALA C 112 -7.84 35.50 4.24
CA ALA C 112 -7.23 35.96 5.48
C ALA C 112 -6.68 37.39 5.36
N LEU C 113 -6.77 38.14 6.46
CA LEU C 113 -6.27 39.51 6.47
C LEU C 113 -4.74 39.49 6.51
N LEU C 114 -4.11 40.06 5.49
CA LEU C 114 -2.65 40.11 5.38
C LEU C 114 -2.08 41.20 6.27
N LYS C 115 -2.53 42.42 6.02
CA LYS C 115 -2.08 43.57 6.79
C LYS C 115 -3.28 44.46 7.10
N VAL C 116 -3.46 44.76 8.38
CA VAL C 116 -4.59 45.58 8.80
C VAL C 116 -4.48 47.05 8.41
N ASN C 117 -5.50 47.54 7.74
CA ASN C 117 -5.60 48.93 7.26
C ASN C 117 -4.46 49.34 6.35
N GLU C 118 -3.62 48.37 6.00
CA GLU C 118 -2.47 48.61 5.13
C GLU C 118 -2.81 48.14 3.71
N MET D 1 11.94 1.11 -41.34
CA MET D 1 10.98 -0.02 -41.54
C MET D 1 10.58 -0.55 -40.15
N ASN D 2 9.36 -0.25 -39.74
CA ASN D 2 8.87 -0.66 -38.42
C ASN D 2 7.71 -1.64 -38.54
N LEU D 3 7.76 -2.69 -37.72
CA LEU D 3 6.76 -3.73 -37.69
C LEU D 3 5.36 -3.14 -37.54
N THR D 4 5.21 -2.29 -36.53
CA THR D 4 3.94 -1.62 -36.27
C THR D 4 3.52 -0.78 -37.46
N GLU D 5 4.47 -0.05 -38.03
CA GLU D 5 4.19 0.83 -39.16
C GLU D 5 3.60 0.05 -40.34
N LEU D 6 4.30 -0.97 -40.79
CA LEU D 6 3.82 -1.77 -41.91
C LEU D 6 2.46 -2.38 -41.55
N LYS D 7 2.31 -2.72 -40.27
CA LYS D 7 1.07 -3.32 -39.81
C LYS D 7 -0.14 -2.43 -40.15
N ASN D 8 0.08 -1.12 -40.21
CA ASN D 8 -0.99 -0.17 -40.52
C ASN D 8 -0.97 0.30 -41.97
N THR D 9 -0.32 -0.47 -42.82
CA THR D 9 -0.21 -0.13 -44.22
C THR D 9 -1.09 -1.02 -45.09
N PRO D 10 -1.70 -0.44 -46.13
CA PRO D 10 -2.57 -1.21 -47.04
C PRO D 10 -1.84 -2.38 -47.67
N VAL D 11 -2.44 -3.56 -47.55
CA VAL D 11 -1.89 -4.79 -48.10
C VAL D 11 -1.44 -4.66 -49.55
N SER D 12 -2.16 -3.86 -50.33
CA SER D 12 -1.83 -3.69 -51.73
C SER D 12 -0.54 -2.91 -51.91
N GLU D 13 -0.26 -2.00 -50.98
CA GLU D 13 0.94 -1.19 -51.05
C GLU D 13 2.13 -2.02 -50.57
N LEU D 14 1.90 -2.88 -49.59
CA LEU D 14 2.96 -3.73 -49.07
C LEU D 14 3.43 -4.64 -50.19
N ILE D 15 2.46 -5.15 -50.95
CA ILE D 15 2.75 -6.04 -52.06
C ILE D 15 3.73 -5.38 -53.03
N THR D 16 3.41 -4.18 -53.47
CA THR D 16 4.28 -3.45 -54.39
C THR D 16 5.68 -3.23 -53.79
N LEU D 17 5.70 -2.71 -52.57
CA LEU D 17 6.95 -2.45 -51.86
C LEU D 17 7.79 -3.72 -51.68
N GLY D 18 7.13 -4.85 -51.44
CA GLY D 18 7.84 -6.10 -51.24
C GLY D 18 8.40 -6.71 -52.51
N GLU D 19 7.61 -6.68 -53.57
CA GLU D 19 8.06 -7.23 -54.84
C GLU D 19 9.18 -6.36 -55.45
N ASN D 20 9.30 -5.11 -54.98
CA ASN D 20 10.36 -4.23 -55.46
C ASN D 20 11.63 -4.43 -54.61
N MET D 21 11.56 -5.40 -53.71
CA MET D 21 12.68 -5.74 -52.86
C MET D 21 13.15 -7.14 -53.23
N GLY D 22 12.48 -7.72 -54.21
CA GLY D 22 12.86 -9.05 -54.64
C GLY D 22 11.93 -10.17 -54.23
N LEU D 23 10.87 -9.87 -53.49
CA LEU D 23 9.95 -10.92 -53.07
C LEU D 23 8.99 -11.29 -54.20
N GLU D 24 8.65 -12.58 -54.28
CA GLU D 24 7.76 -13.07 -55.31
C GLU D 24 6.35 -13.35 -54.77
N ASN D 25 5.38 -13.43 -55.68
CA ASN D 25 3.98 -13.70 -55.37
C ASN D 25 3.50 -13.45 -53.94
N LEU D 26 3.45 -12.19 -53.55
CA LEU D 26 3.00 -11.80 -52.23
C LEU D 26 1.48 -11.59 -52.26
N ALA D 27 0.97 -11.28 -53.45
CA ALA D 27 -0.44 -11.01 -53.67
C ALA D 27 -1.39 -12.08 -53.15
N ARG D 28 -0.90 -13.31 -53.04
CA ARG D 28 -1.73 -14.42 -52.59
C ARG D 28 -1.47 -14.86 -51.15
N MET D 29 -0.80 -14.00 -50.38
CA MET D 29 -0.51 -14.36 -49.00
C MET D 29 -1.20 -13.46 -48.00
N ARG D 30 -1.28 -13.94 -46.76
CA ARG D 30 -1.90 -13.18 -45.68
C ARG D 30 -1.07 -11.93 -45.42
N LYS D 31 -1.74 -10.82 -45.19
CA LYS D 31 -1.06 -9.56 -44.93
C LYS D 31 0.03 -9.76 -43.88
N GLN D 32 -0.36 -10.35 -42.76
CA GLN D 32 0.57 -10.59 -41.68
C GLN D 32 1.82 -11.30 -42.19
N ASP D 33 1.62 -12.23 -43.12
CA ASP D 33 2.75 -12.98 -43.68
C ASP D 33 3.57 -12.10 -44.63
N ILE D 34 2.88 -11.25 -45.38
CA ILE D 34 3.54 -10.34 -46.30
C ILE D 34 4.45 -9.43 -45.47
N ILE D 35 3.92 -8.90 -44.36
CA ILE D 35 4.70 -8.03 -43.49
C ILE D 35 5.92 -8.75 -42.93
N PHE D 36 5.74 -9.99 -42.49
CA PHE D 36 6.87 -10.75 -41.97
C PHE D 36 7.94 -10.93 -43.06
N ALA D 37 7.49 -11.28 -44.26
CA ALA D 37 8.41 -11.47 -45.37
C ALA D 37 9.22 -10.20 -45.68
N ILE D 38 8.54 -9.05 -45.71
CA ILE D 38 9.18 -7.77 -46.00
C ILE D 38 10.22 -7.43 -44.93
N LEU D 39 9.91 -7.68 -43.66
CA LEU D 39 10.84 -7.39 -42.61
C LEU D 39 12.07 -8.31 -42.69
N LYS D 40 11.82 -9.62 -42.84
CA LYS D 40 12.90 -10.60 -42.94
C LYS D 40 13.84 -10.24 -44.08
N GLN D 41 13.25 -9.83 -45.20
CA GLN D 41 14.00 -9.47 -46.39
C GLN D 41 14.93 -8.27 -46.14
N HIS D 42 14.35 -7.24 -45.52
CA HIS D 42 15.06 -6.01 -45.20
C HIS D 42 16.21 -6.27 -44.24
N ALA D 43 15.96 -7.13 -43.26
CA ALA D 43 16.94 -7.49 -42.25
C ALA D 43 18.09 -8.30 -42.82
N LYS D 44 17.74 -9.28 -43.65
CA LYS D 44 18.74 -10.13 -44.29
C LYS D 44 19.55 -9.35 -45.34
N SER D 45 19.07 -8.18 -45.73
CA SER D 45 19.78 -7.39 -46.72
C SER D 45 20.85 -6.63 -45.96
N GLY D 46 20.85 -6.80 -44.64
CA GLY D 46 21.83 -6.15 -43.80
C GLY D 46 21.36 -4.81 -43.27
N GLU D 47 20.09 -4.49 -43.48
CA GLU D 47 19.52 -3.22 -43.02
C GLU D 47 18.85 -3.38 -41.64
N ASP D 48 18.56 -2.28 -40.97
CA ASP D 48 17.93 -2.38 -39.65
C ASP D 48 16.40 -2.37 -39.71
N ILE D 49 15.77 -3.06 -38.76
CA ILE D 49 14.33 -3.10 -38.67
C ILE D 49 14.00 -2.82 -37.21
N PHE D 50 12.87 -2.17 -36.96
CA PHE D 50 12.50 -1.83 -35.60
C PHE D 50 11.09 -2.31 -35.20
N GLY D 51 10.85 -2.32 -33.89
CA GLY D 51 9.57 -2.75 -33.37
C GLY D 51 9.25 -2.08 -32.04
N ASP D 52 8.10 -2.41 -31.47
CA ASP D 52 7.70 -1.82 -30.21
C ASP D 52 6.44 -2.47 -29.68
N GLY D 53 6.14 -2.17 -28.42
CA GLY D 53 4.95 -2.71 -27.76
C GLY D 53 5.10 -2.48 -26.26
N VAL D 54 4.24 -3.08 -25.46
CA VAL D 54 4.30 -2.96 -24.00
C VAL D 54 4.88 -4.24 -23.37
N LEU D 55 6.03 -4.12 -22.72
CA LEU D 55 6.73 -5.26 -22.11
C LEU D 55 6.06 -6.03 -20.99
N GLU D 56 5.58 -7.24 -21.29
CA GLU D 56 4.96 -8.09 -20.28
C GLU D 56 5.95 -9.20 -19.98
N ILE D 57 6.17 -9.48 -18.69
CA ILE D 57 7.11 -10.53 -18.32
C ILE D 57 6.42 -11.83 -17.91
N LEU D 58 7.09 -12.94 -18.19
CA LEU D 58 6.58 -14.25 -17.84
C LEU D 58 7.29 -14.73 -16.57
N GLN D 59 6.59 -15.49 -15.75
CA GLN D 59 7.15 -16.01 -14.50
C GLN D 59 8.58 -16.47 -14.69
N ASP D 60 8.87 -17.09 -15.82
CA ASP D 60 10.20 -17.60 -16.12
C ASP D 60 11.31 -16.55 -16.12
N GLY D 61 10.95 -15.29 -16.36
CA GLY D 61 11.96 -14.25 -16.38
C GLY D 61 12.12 -13.48 -17.70
N PHE D 62 11.60 -14.02 -18.79
CA PHE D 62 11.68 -13.33 -20.09
C PHE D 62 10.33 -12.67 -20.39
N GLY D 63 10.28 -11.85 -21.42
CA GLY D 63 9.03 -11.21 -21.76
C GLY D 63 8.87 -10.88 -23.22
N PHE D 64 7.68 -10.43 -23.58
CA PHE D 64 7.36 -10.06 -24.95
C PHE D 64 6.73 -8.68 -25.00
N LEU D 65 7.14 -7.91 -26.00
CA LEU D 65 6.57 -6.59 -26.21
C LEU D 65 5.22 -6.85 -26.85
N ARG D 66 4.15 -6.61 -26.11
CA ARG D 66 2.80 -6.82 -26.59
C ARG D 66 2.35 -5.61 -27.40
N SER D 67 1.30 -5.79 -28.19
CA SER D 67 0.77 -4.71 -29.00
C SER D 67 -0.65 -4.38 -28.60
N ALA D 68 -1.03 -3.12 -28.79
CA ALA D 68 -2.38 -2.67 -28.49
C ALA D 68 -3.29 -3.33 -29.52
N ASP D 69 -2.78 -3.42 -30.75
CA ASP D 69 -3.49 -4.03 -31.85
C ASP D 69 -4.09 -5.36 -31.39
N SER D 70 -3.25 -6.21 -30.81
CA SER D 70 -3.71 -7.50 -30.31
C SER D 70 -4.24 -7.37 -28.89
N SER D 71 -4.78 -6.18 -28.60
CA SER D 71 -5.36 -5.88 -27.29
C SER D 71 -4.40 -6.25 -26.15
N TYR D 72 -3.10 -6.13 -26.42
CA TYR D 72 -2.08 -6.41 -25.43
C TYR D 72 -2.07 -7.87 -24.98
N LEU D 73 -2.32 -8.77 -25.94
CA LEU D 73 -2.32 -10.20 -25.66
C LEU D 73 -1.37 -10.93 -26.61
N ALA D 74 -0.85 -12.07 -26.17
CA ALA D 74 0.06 -12.88 -26.97
C ALA D 74 -0.40 -13.00 -28.41
N GLY D 75 0.44 -12.52 -29.33
CA GLY D 75 0.11 -12.57 -30.73
C GLY D 75 1.33 -12.93 -31.57
N PRO D 76 1.13 -13.27 -32.84
CA PRO D 76 2.23 -13.64 -33.74
C PRO D 76 3.31 -12.56 -33.92
N ASP D 77 2.95 -11.29 -33.75
CA ASP D 77 3.90 -10.19 -33.90
C ASP D 77 4.60 -9.79 -32.60
N ASP D 78 4.38 -10.53 -31.52
CA ASP D 78 5.02 -10.17 -30.27
C ASP D 78 6.53 -10.18 -30.42
N ILE D 79 7.20 -9.27 -29.72
CA ILE D 79 8.65 -9.20 -29.81
C ILE D 79 9.28 -9.77 -28.53
N TYR D 80 10.17 -10.75 -28.69
CA TYR D 80 10.84 -11.39 -27.56
C TYR D 80 11.86 -10.51 -26.86
N VAL D 81 11.77 -10.49 -25.53
CA VAL D 81 12.69 -9.72 -24.69
C VAL D 81 13.39 -10.67 -23.70
N SER D 82 14.70 -10.83 -23.85
CA SER D 82 15.52 -11.71 -23.01
C SER D 82 15.70 -11.22 -21.60
N PRO D 83 15.58 -12.11 -20.60
CA PRO D 83 15.71 -11.87 -19.16
C PRO D 83 16.75 -10.82 -18.79
N SER D 84 17.82 -10.75 -19.59
CA SER D 84 18.86 -9.77 -19.37
C SER D 84 18.23 -8.38 -19.40
N GLN D 85 17.76 -8.01 -20.59
CA GLN D 85 17.13 -6.74 -20.86
C GLN D 85 16.09 -6.33 -19.83
N ILE D 86 15.18 -7.23 -19.49
CA ILE D 86 14.14 -6.91 -18.50
C ILE D 86 14.79 -6.42 -17.22
N ARG D 87 16.02 -6.87 -17.00
CA ARG D 87 16.79 -6.51 -15.82
C ARG D 87 17.52 -5.18 -16.00
N ARG D 88 18.34 -5.08 -17.06
CA ARG D 88 19.11 -3.86 -17.33
C ARG D 88 18.27 -2.59 -17.32
N PHE D 89 16.95 -2.74 -17.34
CA PHE D 89 16.09 -1.58 -17.36
C PHE D 89 15.02 -1.60 -16.27
N ASN D 90 15.05 -2.62 -15.42
CA ASN D 90 14.10 -2.73 -14.33
C ASN D 90 12.67 -2.59 -14.86
N LEU D 91 12.48 -3.01 -16.11
CA LEU D 91 11.19 -2.92 -16.77
C LEU D 91 10.12 -3.76 -16.09
N ARG D 92 8.85 -3.47 -16.36
CA ARG D 92 7.77 -4.23 -15.75
C ARG D 92 6.54 -4.31 -16.65
N THR D 93 5.69 -5.30 -16.37
CA THR D 93 4.46 -5.49 -17.13
C THR D 93 3.71 -4.16 -17.19
N GLY D 94 3.52 -3.65 -18.40
CA GLY D 94 2.82 -2.39 -18.58
C GLY D 94 3.72 -1.34 -19.22
N ASP D 95 5.03 -1.55 -19.16
CA ASP D 95 6.00 -0.62 -19.76
C ASP D 95 5.82 -0.52 -21.27
N THR D 96 6.48 0.47 -21.89
CA THR D 96 6.41 0.65 -23.33
C THR D 96 7.82 0.75 -23.87
N ILE D 97 8.12 -0.06 -24.90
CA ILE D 97 9.46 -0.10 -25.46
C ILE D 97 9.53 -0.08 -26.99
N SER D 98 10.60 0.48 -27.51
CA SER D 98 10.87 0.56 -28.95
C SER D 98 12.36 0.34 -29.13
N GLY D 99 12.76 -0.12 -30.31
CA GLY D 99 14.17 -0.34 -30.56
C GLY D 99 14.37 -1.23 -31.77
N LYS D 100 15.62 -1.64 -32.02
CA LYS D 100 15.90 -2.51 -33.15
C LYS D 100 15.49 -3.95 -32.83
N ILE D 101 15.13 -4.68 -33.88
CA ILE D 101 14.73 -6.08 -33.74
C ILE D 101 15.31 -6.90 -34.88
N ARG D 102 15.19 -8.22 -34.76
CA ARG D 102 15.69 -9.13 -35.79
C ARG D 102 14.68 -10.26 -35.93
N PRO D 103 14.50 -10.78 -37.15
CA PRO D 103 13.54 -11.87 -37.34
C PRO D 103 13.97 -13.11 -36.57
N PRO D 104 13.06 -14.07 -36.37
CA PRO D 104 13.47 -15.27 -35.64
C PRO D 104 14.54 -16.07 -36.37
N LYS D 105 15.25 -16.90 -35.61
CA LYS D 105 16.25 -17.79 -36.15
C LYS D 105 15.67 -19.19 -35.98
N GLU D 106 16.35 -20.21 -36.52
CA GLU D 106 15.90 -21.58 -36.39
C GLU D 106 15.61 -21.85 -34.92
N GLY D 107 14.41 -22.35 -34.62
CA GLY D 107 14.08 -22.65 -33.25
C GLY D 107 13.23 -21.59 -32.56
N GLU D 108 13.25 -20.38 -33.10
CA GLU D 108 12.46 -19.28 -32.56
C GLU D 108 11.24 -19.05 -33.45
N ARG D 109 10.18 -18.51 -32.88
CA ARG D 109 9.00 -18.25 -33.70
C ARG D 109 8.70 -16.75 -33.74
N TYR D 110 9.41 -15.97 -32.94
CA TYR D 110 9.13 -14.53 -32.91
C TYR D 110 10.34 -13.66 -33.15
N PHE D 111 10.05 -12.44 -33.61
CA PHE D 111 11.10 -11.46 -33.82
C PHE D 111 11.63 -11.18 -32.42
N ALA D 112 12.86 -10.66 -32.33
CA ALA D 112 13.47 -10.38 -31.04
C ALA D 112 14.12 -9.01 -30.96
N LEU D 113 14.04 -8.41 -29.78
CA LEU D 113 14.59 -7.09 -29.53
C LEU D 113 16.12 -7.07 -29.49
N LEU D 114 16.71 -6.33 -30.42
CA LEU D 114 18.16 -6.20 -30.51
C LEU D 114 18.69 -5.06 -29.63
N LYS D 115 18.11 -3.87 -29.78
CA LYS D 115 18.52 -2.70 -29.00
C LYS D 115 17.30 -1.94 -28.49
N VAL D 116 17.19 -1.85 -27.17
CA VAL D 116 16.08 -1.20 -26.48
C VAL D 116 15.94 0.32 -26.53
N ASN D 117 14.72 0.77 -26.22
CA ASN D 117 14.32 2.18 -26.18
C ASN D 117 14.77 3.12 -27.28
N GLU D 118 15.61 2.63 -28.20
CA GLU D 118 16.11 3.45 -29.28
C GLU D 118 16.55 2.59 -30.46
N MET E 1 9.29 -23.42 27.09
CA MET E 1 8.33 -24.51 26.75
C MET E 1 7.63 -24.98 28.02
N ASN E 2 6.41 -24.50 28.22
CA ASN E 2 5.63 -24.85 29.41
C ASN E 2 4.61 -25.94 29.14
N LEU E 3 4.56 -26.91 30.05
CA LEU E 3 3.62 -28.01 29.95
C LEU E 3 2.24 -27.42 29.66
N THR E 4 1.87 -26.41 30.45
CA THR E 4 0.57 -25.75 30.26
C THR E 4 0.54 -25.09 28.89
N GLU E 5 1.69 -24.57 28.47
CA GLU E 5 1.82 -23.92 27.18
C GLU E 5 1.33 -24.90 26.12
N LEU E 6 1.96 -26.08 26.08
CA LEU E 6 1.61 -27.11 25.13
C LEU E 6 0.15 -27.54 25.28
N LYS E 7 -0.22 -27.87 26.51
CA LYS E 7 -1.58 -28.30 26.81
C LYS E 7 -2.64 -27.51 26.05
N ASN E 8 -2.33 -26.25 25.73
CA ASN E 8 -3.29 -25.39 25.01
C ASN E 8 -3.06 -25.30 23.50
N THR E 9 -1.91 -25.79 23.04
CA THR E 9 -1.57 -25.76 21.62
C THR E 9 -2.34 -26.81 20.83
N PRO E 10 -2.99 -26.40 19.73
CA PRO E 10 -3.76 -27.32 18.89
C PRO E 10 -2.98 -28.61 18.63
N VAL E 11 -3.66 -29.74 18.67
CA VAL E 11 -3.03 -31.04 18.46
C VAL E 11 -2.25 -31.13 17.15
N SER E 12 -2.85 -30.65 16.07
CA SER E 12 -2.21 -30.68 14.77
C SER E 12 -0.83 -30.01 14.86
N GLU E 13 -0.82 -28.82 15.44
CA GLU E 13 0.41 -28.06 15.61
C GLU E 13 1.40 -28.78 16.52
N LEU E 14 0.88 -29.41 17.57
CA LEU E 14 1.71 -30.14 18.51
C LEU E 14 2.35 -31.32 17.78
N ILE E 15 1.59 -31.93 16.88
CA ILE E 15 2.07 -33.09 16.12
C ILE E 15 3.29 -32.72 15.28
N THR E 16 3.17 -31.61 14.55
CA THR E 16 4.28 -31.15 13.73
C THR E 16 5.46 -30.90 14.66
N LEU E 17 5.25 -29.95 15.58
CA LEU E 17 6.26 -29.56 16.56
C LEU E 17 7.03 -30.74 17.13
N GLY E 18 6.35 -31.87 17.27
CA GLY E 18 7.00 -33.04 17.83
C GLY E 18 7.77 -33.87 16.83
N GLU E 19 7.26 -34.01 15.62
CA GLU E 19 7.95 -34.81 14.62
C GLU E 19 9.18 -34.05 14.12
N ASN E 20 9.10 -32.72 14.11
CA ASN E 20 10.24 -31.91 13.69
C ASN E 20 11.36 -32.11 14.71
N MET E 21 11.05 -32.82 15.78
CA MET E 21 12.01 -33.12 16.83
C MET E 21 12.32 -34.61 16.75
N GLY E 22 11.94 -35.21 15.62
CA GLY E 22 12.18 -36.63 15.42
C GLY E 22 11.27 -37.52 16.24
N LEU E 23 9.97 -37.44 15.99
CA LEU E 23 9.01 -38.26 16.72
C LEU E 23 8.13 -39.11 15.79
N GLU E 24 7.94 -40.36 16.16
CA GLU E 24 7.15 -41.30 15.37
C GLU E 24 5.68 -41.42 15.77
N ASN E 25 4.85 -41.75 14.78
CA ASN E 25 3.41 -41.91 14.94
C ASN E 25 2.77 -41.09 16.06
N LEU E 26 2.85 -39.77 15.93
CA LEU E 26 2.25 -38.89 16.92
C LEU E 26 0.84 -38.61 16.43
N ALA E 27 0.64 -38.80 15.14
CA ALA E 27 -0.66 -38.58 14.53
C ALA E 27 -1.65 -39.65 14.96
N ARG E 28 -1.15 -40.87 15.13
CA ARG E 28 -1.99 -41.98 15.55
C ARG E 28 -2.00 -42.05 17.07
N MET E 29 -1.60 -40.97 17.72
CA MET E 29 -1.54 -40.97 19.17
C MET E 29 -2.32 -39.86 19.86
N ARG E 30 -2.79 -40.15 21.06
CA ARG E 30 -3.59 -39.22 21.87
C ARG E 30 -2.78 -37.98 22.29
N LYS E 31 -3.43 -36.83 22.28
CA LYS E 31 -2.78 -35.57 22.65
C LYS E 31 -1.96 -35.69 23.93
N GLN E 32 -2.54 -36.31 24.96
CA GLN E 32 -1.86 -36.49 26.23
C GLN E 32 -0.50 -37.11 26.02
N ASP E 33 -0.46 -38.13 25.17
CA ASP E 33 0.78 -38.85 24.87
C ASP E 33 1.74 -37.96 24.07
N ILE E 34 1.20 -37.21 23.13
CA ILE E 34 2.00 -36.30 22.32
C ILE E 34 2.74 -35.39 23.29
N ILE E 35 1.99 -34.59 24.04
CA ILE E 35 2.57 -33.66 25.02
C ILE E 35 3.65 -34.32 25.85
N PHE E 36 3.36 -35.47 26.44
CA PHE E 36 4.38 -36.15 27.23
C PHE E 36 5.59 -36.44 26.36
N ALA E 37 5.34 -37.10 25.23
CA ALA E 37 6.41 -37.47 24.28
C ALA E 37 7.34 -36.29 24.04
N ILE E 38 6.75 -35.18 23.62
CA ILE E 38 7.49 -33.97 23.35
C ILE E 38 8.32 -33.57 24.56
N LEU E 39 7.66 -33.33 25.69
CA LEU E 39 8.36 -32.95 26.90
C LEU E 39 9.48 -33.93 27.24
N LYS E 40 9.14 -35.21 27.36
CA LYS E 40 10.13 -36.23 27.67
C LYS E 40 11.32 -36.07 26.73
N GLN E 41 11.01 -35.82 25.46
CA GLN E 41 12.03 -35.63 24.43
C GLN E 41 12.86 -34.40 24.75
N HIS E 42 12.17 -33.27 24.89
CA HIS E 42 12.79 -31.99 25.18
C HIS E 42 13.69 -32.08 26.41
N ALA E 43 13.47 -33.11 27.23
CA ALA E 43 14.26 -33.34 28.45
C ALA E 43 15.57 -34.04 28.11
N LYS E 44 15.53 -34.91 27.10
CA LYS E 44 16.71 -35.64 26.68
C LYS E 44 17.68 -34.66 26.01
N SER E 45 17.12 -33.72 25.26
CA SER E 45 17.89 -32.70 24.57
C SER E 45 18.55 -31.76 25.58
N GLY E 46 18.30 -32.01 26.86
CA GLY E 46 18.88 -31.19 27.92
C GLY E 46 18.39 -29.75 27.99
N GLU E 47 17.09 -29.55 27.75
CA GLU E 47 16.52 -28.21 27.81
C GLU E 47 15.64 -28.11 29.06
N ASP E 48 15.14 -26.91 29.34
CA ASP E 48 14.29 -26.70 30.51
C ASP E 48 12.81 -26.67 30.18
N ILE E 49 12.03 -27.41 30.96
CA ILE E 49 10.58 -27.49 30.80
C ILE E 49 9.90 -26.93 32.04
N PHE E 50 8.94 -26.03 31.84
CA PHE E 50 8.25 -25.41 32.95
C PHE E 50 6.80 -25.80 33.06
N GLY E 51 6.29 -25.77 34.28
CA GLY E 51 4.89 -26.10 34.51
C GLY E 51 4.34 -25.21 35.61
N ASP E 52 3.03 -25.29 35.84
CA ASP E 52 2.40 -24.46 36.85
C ASP E 52 1.02 -24.97 37.25
N GLY E 53 0.48 -24.38 38.31
CA GLY E 53 -0.84 -24.76 38.78
C GLY E 53 -1.12 -24.27 40.18
N VAL E 54 -2.31 -24.58 40.67
CA VAL E 54 -2.68 -24.18 42.01
C VAL E 54 -2.46 -25.40 42.90
N LEU E 55 -1.63 -25.21 43.91
CA LEU E 55 -1.31 -26.30 44.80
C LEU E 55 -2.52 -26.74 45.61
N GLU E 56 -2.65 -28.05 45.77
CA GLU E 56 -3.71 -28.61 46.59
C GLU E 56 -2.96 -29.60 47.45
N ILE E 57 -2.91 -29.35 48.75
CA ILE E 57 -2.21 -30.27 49.62
C ILE E 57 -3.21 -31.29 50.15
N LEU E 58 -2.80 -32.55 50.17
CA LEU E 58 -3.67 -33.62 50.66
C LEU E 58 -3.24 -34.02 52.06
N GLN E 59 -4.17 -34.58 52.81
CA GLN E 59 -3.90 -34.99 54.19
C GLN E 59 -2.63 -35.83 54.30
N ASP E 60 -2.41 -36.71 53.32
CA ASP E 60 -1.21 -37.54 53.35
C ASP E 60 0.06 -36.70 53.47
N GLY E 61 0.00 -35.44 53.06
CA GLY E 61 1.16 -34.58 53.18
C GLY E 61 1.79 -34.08 51.87
N PHE E 62 1.57 -34.80 50.78
CA PHE E 62 2.12 -34.40 49.51
C PHE E 62 1.06 -33.63 48.76
N GLY E 63 1.42 -33.06 47.63
CA GLY E 63 0.43 -32.31 46.88
C GLY E 63 0.58 -32.33 45.38
N PHE E 64 -0.36 -31.66 44.72
CA PHE E 64 -0.34 -31.57 43.30
C PHE E 64 -0.62 -30.17 42.84
N LEU E 65 -0.03 -29.81 41.71
CA LEU E 65 -0.24 -28.52 41.10
C LEU E 65 -1.38 -28.78 40.11
N ARG E 66 -2.59 -28.32 40.44
CA ARG E 66 -3.76 -28.51 39.56
C ARG E 66 -3.88 -27.34 38.59
N SER E 67 -4.51 -27.58 37.45
CA SER E 67 -4.63 -26.51 36.46
C SER E 67 -6.05 -26.10 36.07
N ALA E 68 -6.17 -24.87 35.57
CA ALA E 68 -7.45 -24.34 35.14
C ALA E 68 -7.99 -25.23 34.02
N ASP E 69 -7.08 -25.73 33.18
CA ASP E 69 -7.43 -26.59 32.06
C ASP E 69 -8.39 -27.70 32.52
N SER E 70 -8.00 -28.43 33.57
CA SER E 70 -8.83 -29.50 34.11
C SER E 70 -9.79 -28.91 35.14
N SER E 71 -9.98 -27.60 35.05
CA SER E 71 -10.86 -26.89 35.97
C SER E 71 -10.49 -27.16 37.42
N TYR E 72 -9.22 -27.52 37.64
CA TYR E 72 -8.70 -27.82 38.96
C TYR E 72 -9.14 -29.18 39.51
N LEU E 73 -9.25 -30.15 38.62
CA LEU E 73 -9.64 -31.51 39.01
C LEU E 73 -8.49 -32.47 38.72
N ALA E 74 -8.22 -33.36 39.66
CA ALA E 74 -7.14 -34.33 39.51
C ALA E 74 -6.98 -34.78 38.06
N GLY E 75 -5.94 -34.28 37.39
CA GLY E 75 -5.70 -34.63 36.00
C GLY E 75 -4.36 -35.28 35.74
N PRO E 76 -4.19 -35.94 34.58
CA PRO E 76 -2.94 -36.62 34.22
C PRO E 76 -1.78 -35.66 34.01
N ASP E 77 -2.10 -34.38 33.88
CA ASP E 77 -1.09 -33.35 33.67
C ASP E 77 -0.69 -32.62 34.95
N ASP E 78 -1.24 -33.04 36.09
CA ASP E 78 -0.93 -32.41 37.36
C ASP E 78 0.55 -32.57 37.67
N ILE E 79 1.08 -31.66 38.47
CA ILE E 79 2.47 -31.71 38.82
C ILE E 79 2.58 -32.06 40.30
N TYR E 80 3.22 -33.21 40.54
CA TYR E 80 3.43 -33.71 41.90
C TYR E 80 4.35 -32.78 42.68
N VAL E 81 3.99 -32.49 43.92
CA VAL E 81 4.82 -31.63 44.76
C VAL E 81 5.18 -32.40 46.03
N SER E 82 6.48 -32.54 46.27
CA SER E 82 6.97 -33.31 47.42
C SER E 82 6.75 -32.65 48.79
N PRO E 83 6.72 -33.47 49.85
CA PRO E 83 6.53 -32.92 51.19
C PRO E 83 7.67 -31.95 51.53
N SER E 84 8.86 -32.28 51.04
CA SER E 84 10.05 -31.47 51.27
C SER E 84 9.92 -30.08 50.67
N GLN E 85 9.29 -29.98 49.51
CA GLN E 85 9.11 -28.68 48.89
C GLN E 85 8.07 -27.85 49.64
N ILE E 86 7.02 -28.52 50.11
CA ILE E 86 5.95 -27.89 50.84
C ILE E 86 6.48 -27.34 52.15
N ARG E 87 7.28 -28.14 52.85
CA ARG E 87 7.82 -27.68 54.11
C ARG E 87 8.97 -26.68 53.93
N ARG E 88 9.84 -26.92 52.95
CA ARG E 88 10.97 -26.03 52.71
C ARG E 88 10.51 -24.61 52.35
N PHE E 89 9.49 -24.50 51.53
CA PHE E 89 9.00 -23.18 51.15
C PHE E 89 7.76 -22.77 51.89
N ASN E 90 7.40 -23.51 52.93
CA ASN E 90 6.23 -23.16 53.72
C ASN E 90 5.04 -22.95 52.76
N LEU E 91 4.83 -23.91 51.87
CA LEU E 91 3.75 -23.83 50.91
C LEU E 91 2.43 -24.15 51.60
N ARG E 92 1.35 -23.64 51.02
CA ARG E 92 0.01 -23.82 51.54
C ARG E 92 -0.98 -24.11 50.41
N THR E 93 -1.98 -24.94 50.71
CA THR E 93 -3.01 -25.29 49.72
C THR E 93 -3.61 -23.99 49.21
N GLY E 94 -3.72 -23.88 47.89
CA GLY E 94 -4.24 -22.66 47.31
C GLY E 94 -3.15 -21.80 46.68
N ASP E 95 -1.89 -22.03 47.05
CA ASP E 95 -0.80 -21.25 46.45
C ASP E 95 -0.68 -21.52 44.95
N THR E 96 -0.26 -20.50 44.23
CA THR E 96 -0.05 -20.61 42.80
C THR E 96 1.45 -20.82 42.60
N ILE E 97 1.83 -21.89 41.94
CA ILE E 97 3.23 -22.21 41.74
C ILE E 97 3.63 -22.56 40.32
N SER E 98 4.80 -22.06 39.93
CA SER E 98 5.37 -22.29 38.61
C SER E 98 6.77 -22.84 38.81
N GLY E 99 7.48 -23.12 37.73
CA GLY E 99 8.83 -23.63 37.88
C GLY E 99 9.23 -24.72 36.92
N LYS E 100 10.44 -25.22 37.11
CA LYS E 100 10.97 -26.29 36.27
C LYS E 100 10.41 -27.59 36.79
N ILE E 101 10.05 -28.47 35.86
CA ILE E 101 9.50 -29.77 36.20
C ILE E 101 10.24 -30.85 35.41
N ARG E 102 10.02 -32.11 35.78
CA ARG E 102 10.64 -33.21 35.09
C ARG E 102 9.58 -34.29 34.88
N PRO E 103 9.72 -35.08 33.81
CA PRO E 103 8.78 -36.16 33.49
C PRO E 103 8.90 -37.32 34.48
N PRO E 104 7.87 -38.19 34.53
CA PRO E 104 7.92 -39.32 35.47
C PRO E 104 8.87 -40.44 35.05
N LYS E 105 9.71 -40.87 35.97
CA LYS E 105 10.66 -41.94 35.72
C LYS E 105 9.98 -43.24 36.14
N GLU E 106 10.68 -44.36 36.03
CA GLU E 106 10.10 -45.65 36.40
C GLU E 106 9.44 -45.56 37.76
N GLY E 107 8.15 -45.88 37.81
CA GLY E 107 7.42 -45.82 39.06
C GLY E 107 6.55 -44.58 39.11
N GLU E 108 7.10 -43.44 38.69
CA GLU E 108 6.36 -42.18 38.69
C GLU E 108 5.43 -42.14 37.47
N ARG E 109 4.22 -41.65 37.69
CA ARG E 109 3.22 -41.55 36.63
C ARG E 109 3.00 -40.07 36.25
N TYR E 110 3.39 -39.18 37.16
CA TYR E 110 3.19 -37.75 36.92
C TYR E 110 4.48 -36.96 36.82
N PHE E 111 4.37 -35.77 36.26
CA PHE E 111 5.51 -34.86 36.17
C PHE E 111 5.77 -34.34 37.58
N ALA E 112 7.05 -34.15 37.93
CA ALA E 112 7.40 -33.65 39.26
C ALA E 112 7.99 -32.25 39.20
N LEU E 113 7.68 -31.47 40.23
CA LEU E 113 8.16 -30.10 40.33
C LEU E 113 9.64 -30.21 40.66
N LEU E 114 10.47 -29.52 39.88
CA LEU E 114 11.90 -29.55 40.06
C LEU E 114 12.36 -28.46 41.03
N LYS E 115 12.06 -27.21 40.69
CA LYS E 115 12.43 -26.08 41.53
C LYS E 115 11.24 -25.13 41.66
N VAL E 116 10.91 -24.80 42.90
CA VAL E 116 9.79 -23.92 43.20
C VAL E 116 9.98 -22.48 42.76
N ASN E 117 9.06 -22.00 41.93
CA ASN E 117 9.09 -20.63 41.42
C ASN E 117 10.34 -20.29 40.63
N GLU E 118 11.32 -19.68 41.29
CA GLU E 118 12.57 -19.29 40.64
C GLU E 118 13.29 -20.51 40.04
#